data_3ULJ
#
_entry.id   3ULJ
#
_cell.length_a   52.620
_cell.length_b   52.620
_cell.length_c   137.336
_cell.angle_alpha   90.000
_cell.angle_beta   90.000
_cell.angle_gamma   120.000
#
_symmetry.space_group_name_H-M   'P 31 2 1'
#
loop_
_entity.id
_entity.type
_entity.pdbx_description
1 polymer 'Lin28b, DNA-binding protein'
2 non-polymer 'ACETATE ION'
3 non-polymer GLYCEROL
4 water water
#
_entity_poly.entity_id   1
_entity_poly.type   'polypeptide(L)'
_entity_poly.pdbx_seq_one_letter_code
;GSDPQVLRGSGHCKWFNVRMGFGFISMTSREGSPLENPVDVFVHQSKLYMEGFRSLKEGEPVEFTFKKSSKGFESLRVTG
PGGNPCLGNE
;
_entity_poly.pdbx_strand_id   A,B
#
# COMPACT_ATOMS: atom_id res chain seq x y z
N PRO A 4 -4.09 10.42 -9.31
CA PRO A 4 -3.27 10.09 -8.14
C PRO A 4 -3.02 8.59 -7.99
N GLN A 5 -1.88 8.24 -7.42
CA GLN A 5 -1.59 6.86 -7.09
C GLN A 5 -2.73 6.23 -6.28
N VAL A 6 -3.20 5.07 -6.72
CA VAL A 6 -4.17 4.32 -5.96
C VAL A 6 -3.43 3.54 -4.86
N LEU A 7 -3.88 3.70 -3.63
CA LEU A 7 -3.32 3.08 -2.46
C LEU A 7 -4.29 2.06 -1.92
N ARG A 8 -3.80 1.07 -1.17
CA ARG A 8 -4.58 -0.04 -0.63
CA ARG A 8 -4.63 0.01 -0.62
C ARG A 8 -4.45 -0.10 0.88
N GLY A 9 -5.55 -0.32 1.57
CA GLY A 9 -5.50 -0.52 3.01
C GLY A 9 -6.67 -1.32 3.51
N SER A 10 -6.66 -1.53 4.81
CA SER A 10 -7.77 -2.20 5.47
C SER A 10 -7.94 -1.60 6.86
N GLY A 11 -9.07 -1.84 7.47
CA GLY A 11 -9.35 -1.27 8.77
C GLY A 11 -10.77 -1.57 9.15
N HIS A 12 -11.39 -0.64 9.86
CA HIS A 12 -12.78 -0.80 10.27
C HIS A 12 -13.48 0.54 10.22
N CYS A 13 -14.80 0.51 10.18
CA CYS A 13 -15.55 1.76 10.21
C CYS A 13 -15.43 2.42 11.59
N LYS A 14 -14.89 3.63 11.60
CA LYS A 14 -14.77 4.40 12.83
C LYS A 14 -16.13 4.98 13.24
N TRP A 15 -16.81 5.63 12.31
CA TRP A 15 -18.16 6.13 12.46
C TRP A 15 -18.70 6.38 11.07
N PHE A 16 -20.02 6.48 10.96
CA PHE A 16 -20.65 6.77 9.69
C PHE A 16 -21.93 7.54 9.92
N ASN A 17 -22.04 8.69 9.28
CA ASN A 17 -23.21 9.54 9.37
C ASN A 17 -24.09 9.19 8.17
N VAL A 18 -25.12 8.39 8.44
CA VAL A 18 -25.99 7.87 7.40
C VAL A 18 -26.71 9.00 6.67
N ARG A 19 -27.22 9.95 7.43
CA ARG A 19 -27.93 11.06 6.86
CA ARG A 19 -27.95 11.06 6.84
C ARG A 19 -27.06 11.88 5.90
N MET A 20 -25.84 12.19 6.33
CA MET A 20 -24.97 13.02 5.52
C MET A 20 -24.24 12.23 4.43
N GLY A 21 -24.30 10.91 4.49
CA GLY A 21 -23.72 10.08 3.46
C GLY A 21 -22.22 9.95 3.48
N PHE A 22 -21.60 10.06 4.66
CA PHE A 22 -20.17 9.87 4.76
C PHE A 22 -19.77 9.46 6.15
N GLY A 23 -18.53 8.98 6.25
CA GLY A 23 -17.98 8.57 7.52
C GLY A 23 -16.47 8.54 7.46
N PHE A 24 -15.89 7.98 8.51
CA PHE A 24 -14.46 7.73 8.59
C PHE A 24 -14.22 6.24 8.75
N ILE A 25 -13.19 5.77 8.06
CA ILE A 25 -12.59 4.47 8.32
C ILE A 25 -11.35 4.71 9.16
N SER A 26 -11.15 3.87 10.17
CA SER A 26 -9.87 3.82 10.87
CA SER A 26 -9.88 3.78 10.90
C SER A 26 -9.01 2.78 10.15
N MET A 27 -8.01 3.26 9.42
CA MET A 27 -7.12 2.40 8.67
C MET A 27 -6.06 1.86 9.62
N THR A 28 -5.98 0.53 9.68
CA THR A 28 -5.08 -0.16 10.60
C THR A 28 -4.00 -0.95 9.87
N SER A 29 -4.06 -1.06 8.54
CA SER A 29 -2.96 -1.61 7.77
CA SER A 29 -3.03 -1.73 7.72
CA SER A 29 -3.07 -1.76 7.72
C SER A 29 -2.97 -1.02 6.38
N ARG A 30 -1.77 -1.02 5.77
CA ARG A 30 -1.53 -0.50 4.43
C ARG A 30 -0.78 -1.54 3.65
N GLU A 31 -1.33 -1.96 2.51
CA GLU A 31 -0.68 -2.97 1.68
C GLU A 31 -0.30 -4.21 2.51
N GLY A 32 -1.15 -4.55 3.46
CA GLY A 32 -0.95 -5.70 4.30
C GLY A 32 -0.07 -5.51 5.54
N SER A 33 0.53 -4.35 5.70
CA SER A 33 1.41 -4.07 6.82
C SER A 33 0.68 -3.33 7.92
N PRO A 34 0.64 -3.91 9.15
CA PRO A 34 -0.10 -3.22 10.20
CA PRO A 34 -0.07 -3.26 10.24
C PRO A 34 0.55 -1.92 10.59
N LEU A 35 -0.28 -0.94 10.88
CA LEU A 35 0.18 0.37 11.34
C LEU A 35 0.29 0.42 12.86
N GLU A 36 1.33 1.08 13.34
CA GLU A 36 1.48 1.36 14.76
C GLU A 36 0.42 2.32 15.21
N ASN A 37 0.13 3.29 14.33
CA ASN A 37 -0.75 4.40 14.58
C ASN A 37 -1.82 4.42 13.49
N PRO A 38 -2.99 3.86 13.79
CA PRO A 38 -4.12 3.98 12.82
C PRO A 38 -4.51 5.40 12.48
N VAL A 39 -5.01 5.56 11.27
CA VAL A 39 -5.26 6.86 10.73
C VAL A 39 -6.62 6.92 10.05
N ASP A 40 -7.21 8.11 10.06
CA ASP A 40 -8.50 8.31 9.47
C ASP A 40 -8.44 8.36 7.95
N VAL A 41 -9.44 7.75 7.32
CA VAL A 41 -9.66 7.80 5.89
C VAL A 41 -11.13 8.18 5.68
N PHE A 42 -11.37 9.25 4.92
CA PHE A 42 -12.75 9.65 4.61
C PHE A 42 -13.40 8.63 3.70
N VAL A 43 -14.69 8.39 3.91
CA VAL A 43 -15.45 7.52 3.02
C VAL A 43 -16.82 8.10 2.72
N HIS A 44 -17.11 8.29 1.43
CA HIS A 44 -18.42 8.71 0.98
C HIS A 44 -19.27 7.51 0.64
N GLN A 45 -20.59 7.63 0.85
CA GLN A 45 -21.50 6.51 0.60
C GLN A 45 -21.42 5.98 -0.81
N SER A 46 -21.10 6.84 -1.77
CA SER A 46 -21.04 6.44 -3.16
C SER A 46 -19.91 5.45 -3.45
N LYS A 47 -18.97 5.32 -2.54
CA LYS A 47 -17.80 4.45 -2.72
C LYS A 47 -18.01 3.05 -2.14
N LEU A 48 -19.16 2.79 -1.53
CA LEU A 48 -19.39 1.54 -0.82
C LEU A 48 -19.91 0.46 -1.75
N TYR A 49 -19.22 -0.67 -1.81
CA TYR A 49 -19.65 -1.82 -2.58
C TYR A 49 -20.66 -2.61 -1.77
N MET A 50 -21.91 -2.51 -2.17
CA MET A 50 -23.03 -3.22 -1.57
C MET A 50 -24.25 -2.93 -2.41
N GLU A 51 -25.22 -3.82 -2.37
CA GLU A 51 -26.40 -3.69 -3.23
C GLU A 51 -27.50 -2.85 -2.66
N GLY A 52 -27.61 -2.79 -1.35
CA GLY A 52 -28.77 -2.05 -0.81
C GLY A 52 -28.56 -0.57 -0.55
N PHE A 53 -29.21 -0.09 0.49
CA PHE A 53 -28.94 1.24 1.01
C PHE A 53 -27.49 1.29 1.50
N ARG A 54 -26.73 2.33 1.10
CA ARG A 54 -25.30 2.37 1.35
C ARG A 54 -24.97 3.14 2.62
N SER A 55 -24.36 2.41 3.57
CA SER A 55 -23.75 2.98 4.75
C SER A 55 -22.79 1.94 5.29
N LEU A 56 -22.00 2.34 6.29
CA LEU A 56 -21.20 1.42 7.07
C LEU A 56 -21.70 1.38 8.49
N LYS A 57 -21.58 0.20 9.09
CA LYS A 57 -21.85 -0.02 10.49
C LYS A 57 -20.58 0.24 11.28
N GLU A 58 -20.68 0.95 12.40
CA GLU A 58 -19.55 1.19 13.26
CA GLU A 58 -19.54 1.17 13.28
C GLU A 58 -18.87 -0.15 13.59
N GLY A 59 -17.56 -0.19 13.41
CA GLY A 59 -16.79 -1.36 13.73
C GLY A 59 -16.66 -2.40 12.64
N GLU A 60 -17.43 -2.29 11.55
CA GLU A 60 -17.36 -3.36 10.55
C GLU A 60 -16.00 -3.32 9.87
N PRO A 61 -15.44 -4.49 9.59
CA PRO A 61 -14.12 -4.57 8.95
C PRO A 61 -14.25 -4.29 7.45
N VAL A 62 -13.31 -3.50 6.93
CA VAL A 62 -13.32 -3.10 5.55
C VAL A 62 -11.96 -3.28 4.89
N GLU A 63 -11.99 -3.37 3.57
CA GLU A 63 -10.83 -3.34 2.67
C GLU A 63 -11.11 -2.25 1.66
N PHE A 64 -10.10 -1.51 1.26
CA PHE A 64 -10.41 -0.37 0.39
C PHE A 64 -9.20 0.06 -0.40
N THR A 65 -9.50 0.73 -1.50
CA THR A 65 -8.55 1.56 -2.20
C THR A 65 -8.82 3.02 -1.82
N PHE A 66 -7.78 3.83 -1.87
CA PHE A 66 -7.88 5.23 -1.48
C PHE A 66 -6.83 6.03 -2.20
N LYS A 67 -6.94 7.35 -2.08
CA LYS A 67 -6.00 8.28 -2.65
C LYS A 67 -5.63 9.32 -1.60
N LYS A 68 -4.52 9.99 -1.86
CA LYS A 68 -4.11 11.16 -1.12
C LYS A 68 -4.58 12.39 -1.87
N SER A 69 -5.34 13.23 -1.21
CA SER A 69 -5.81 14.47 -1.75
C SER A 69 -5.29 15.61 -0.90
N SER A 70 -5.71 16.83 -1.23
CA SER A 70 -5.39 18.01 -0.45
C SER A 70 -5.97 18.00 0.96
N LYS A 71 -6.84 17.04 1.25
CA LYS A 71 -7.48 16.89 2.54
C LYS A 71 -6.92 15.75 3.40
N GLY A 72 -6.02 14.95 2.80
CA GLY A 72 -5.52 13.73 3.42
C GLY A 72 -6.01 12.52 2.64
N PHE A 73 -6.40 11.45 3.30
CA PHE A 73 -6.76 10.22 2.62
C PHE A 73 -8.27 10.10 2.40
N GLU A 74 -8.67 9.77 1.17
CA GLU A 74 -10.07 9.63 0.78
C GLU A 74 -10.26 8.31 0.05
N SER A 75 -11.29 7.58 0.40
CA SER A 75 -11.63 6.28 -0.17
CA SER A 75 -11.44 6.29 -0.21
C SER A 75 -12.05 6.38 -1.62
N LEU A 76 -11.67 5.38 -2.41
CA LEU A 76 -12.09 5.21 -3.80
C LEU A 76 -13.11 4.10 -3.97
N ARG A 77 -12.92 3.00 -3.25
CA ARG A 77 -13.83 1.84 -3.31
C ARG A 77 -13.62 1.06 -2.01
N VAL A 78 -14.73 0.73 -1.36
CA VAL A 78 -14.71 0.07 -0.07
C VAL A 78 -15.55 -1.18 -0.10
N THR A 79 -14.97 -2.29 0.37
CA THR A 79 -15.67 -3.56 0.51
C THR A 79 -15.51 -4.06 1.94
N GLY A 80 -16.21 -5.16 2.22
CA GLY A 80 -15.94 -5.94 3.39
C GLY A 80 -14.73 -6.86 3.18
N PRO A 81 -14.46 -7.72 4.16
CA PRO A 81 -13.35 -8.66 4.03
C PRO A 81 -13.50 -9.55 2.82
N GLY A 82 -12.39 -9.87 2.20
CA GLY A 82 -12.41 -10.80 1.08
C GLY A 82 -13.18 -10.28 -0.11
N GLY A 83 -13.38 -8.98 -0.22
CA GLY A 83 -14.11 -8.40 -1.35
C GLY A 83 -15.61 -8.58 -1.25
N ASN A 84 -16.11 -9.07 -0.12
CA ASN A 84 -17.53 -9.16 0.10
C ASN A 84 -18.17 -7.81 0.17
N PRO A 85 -19.49 -7.72 -0.05
CA PRO A 85 -20.18 -6.44 0.14
C PRO A 85 -20.00 -5.96 1.58
N CYS A 86 -20.02 -4.63 1.73
CA CYS A 86 -20.12 -4.05 3.06
C CYS A 86 -21.41 -4.47 3.72
N LEU A 87 -21.43 -4.45 5.04
CA LEU A 87 -22.60 -4.87 5.81
CA LEU A 87 -22.57 -4.88 5.82
C LEU A 87 -23.64 -3.79 5.93
N GLY A 88 -23.21 -2.60 6.33
CA GLY A 88 -24.12 -1.51 6.57
C GLY A 88 -24.99 -1.75 7.78
N ASN A 89 -26.04 -0.96 7.86
CA ASN A 89 -26.86 -0.90 9.05
C ASN A 89 -28.24 -1.55 8.91
N GLU A 90 -28.56 -2.17 7.78
CA GLU A 90 -29.90 -2.75 7.60
C GLU A 90 -29.91 -4.27 7.86
N GLY B 1 14.71 -25.06 -7.00
CA GLY B 1 15.04 -25.95 -5.86
C GLY B 1 14.14 -25.65 -4.68
N SER B 2 14.36 -26.31 -3.55
CA SER B 2 13.55 -26.03 -2.37
CA SER B 2 13.58 -26.06 -2.34
C SER B 2 13.84 -24.63 -1.85
N ASP B 3 15.10 -24.15 -2.01
CA ASP B 3 15.45 -22.81 -1.61
C ASP B 3 14.87 -21.78 -2.58
N PRO B 4 14.09 -20.82 -2.01
N PRO B 4 14.38 -20.63 -2.13
CA PRO B 4 13.48 -19.75 -2.73
CA PRO B 4 14.15 -19.60 -3.15
C PRO B 4 14.60 -18.84 -3.08
C PRO B 4 15.40 -19.12 -3.92
N GLN B 5 14.30 -17.95 -3.99
N GLN B 5 15.17 -18.61 -5.12
CA GLN B 5 15.33 -17.13 -4.50
CA GLN B 5 16.21 -17.96 -5.92
C GLN B 5 15.16 -15.66 -4.14
C GLN B 5 16.00 -16.46 -6.00
N VAL B 6 16.22 -14.94 -4.41
N VAL B 6 16.99 -15.73 -6.50
CA VAL B 6 16.10 -13.53 -4.47
CA VAL B 6 16.93 -14.28 -6.47
C VAL B 6 15.70 -13.18 -5.87
C VAL B 6 15.81 -13.75 -7.36
N LEU B 7 14.74 -12.27 -5.97
N LEU B 7 15.08 -12.78 -6.80
CA LEU B 7 14.14 -11.94 -7.25
CA LEU B 7 14.02 -12.06 -7.48
C LEU B 7 14.45 -10.48 -7.57
C LEU B 7 14.41 -10.58 -7.61
N ARG B 8 14.36 -10.11 -8.84
CA ARG B 8 14.64 -8.74 -9.23
C ARG B 8 13.47 -8.12 -9.95
N GLY B 9 13.26 -6.83 -9.73
CA GLY B 9 12.19 -6.12 -10.37
C GLY B 9 12.42 -4.65 -10.51
N SER B 10 11.49 -3.98 -11.17
CA SER B 10 11.52 -2.53 -11.38
CA SER B 10 11.54 -2.53 -11.23
C SER B 10 10.14 -1.98 -11.14
N GLY B 11 10.07 -0.69 -10.83
CA GLY B 11 8.79 -0.06 -10.62
C GLY B 11 8.96 1.34 -10.11
N HIS B 12 8.06 1.78 -9.25
CA HIS B 12 8.13 3.13 -8.70
C HIS B 12 7.72 3.11 -7.28
N CYS B 13 8.15 4.12 -6.53
CA CYS B 13 7.71 4.25 -5.14
C CYS B 13 6.21 4.54 -5.11
N LYS B 14 5.48 3.68 -4.44
CA LYS B 14 4.05 3.82 -4.27
C LYS B 14 3.74 4.90 -3.22
N TRP B 15 4.37 4.77 -2.04
CA TRP B 15 4.30 5.76 -0.98
C TRP B 15 5.49 5.53 -0.06
N PHE B 16 5.89 6.57 0.68
CA PHE B 16 6.97 6.41 1.62
C PHE B 16 6.79 7.41 2.73
N ASN B 17 6.78 6.95 3.96
CA ASN B 17 6.64 7.82 5.08
C ASN B 17 7.99 8.12 5.71
N VAL B 18 8.37 9.39 5.62
CA VAL B 18 9.70 9.83 5.94
C VAL B 18 10.10 9.56 7.41
N ARG B 19 9.19 9.83 8.34
CA ARG B 19 9.46 9.62 9.78
CA ARG B 19 9.48 9.62 9.76
C ARG B 19 9.38 8.15 10.19
N MET B 20 8.47 7.40 9.58
CA MET B 20 8.32 5.97 9.88
C MET B 20 9.50 5.20 9.26
N GLY B 21 10.07 5.71 8.17
CA GLY B 21 11.19 5.07 7.49
C GLY B 21 10.79 3.82 6.70
N PHE B 22 9.56 3.77 6.20
CA PHE B 22 9.17 2.68 5.32
C PHE B 22 8.05 3.12 4.44
N GLY B 23 7.78 2.27 3.44
CA GLY B 23 6.69 2.46 2.52
C GLY B 23 6.59 1.27 1.60
N PHE B 24 6.01 1.48 0.44
CA PHE B 24 5.85 0.42 -0.55
C PHE B 24 6.31 0.90 -1.91
N ILE B 25 6.81 -0.06 -2.66
CA ILE B 25 7.09 0.04 -4.07
C ILE B 25 5.96 -0.66 -4.85
N SER B 26 5.57 -0.06 -5.96
CA SER B 26 4.70 -0.73 -6.90
CA SER B 26 4.72 -0.70 -6.97
C SER B 26 5.60 -1.30 -8.01
N MET B 27 5.73 -2.63 -8.02
CA MET B 27 6.53 -3.33 -9.01
C MET B 27 5.71 -3.46 -10.29
N THR B 28 6.23 -2.90 -11.37
CA THR B 28 5.53 -2.89 -12.65
C THR B 28 6.21 -3.75 -13.71
N SER B 29 7.42 -4.23 -13.46
CA SER B 29 8.01 -5.21 -14.34
CA SER B 29 8.13 -5.10 -14.39
C SER B 29 9.01 -6.04 -13.60
N ARG B 30 9.29 -7.20 -14.15
CA ARG B 30 10.38 -8.02 -13.65
CA ARG B 30 10.37 -8.06 -13.63
C ARG B 30 10.93 -8.84 -14.80
N GLU B 31 12.25 -8.93 -14.85
CA GLU B 31 12.97 -9.65 -15.91
C GLU B 31 12.64 -9.20 -17.34
N GLY B 32 12.49 -7.89 -17.54
CA GLY B 32 12.17 -7.33 -18.84
C GLY B 32 10.74 -7.61 -19.26
N SER B 33 9.96 -8.13 -18.32
CA SER B 33 8.60 -8.57 -18.58
C SER B 33 7.68 -7.68 -17.73
N PRO B 34 6.93 -6.78 -18.39
CA PRO B 34 5.95 -5.97 -17.68
C PRO B 34 4.86 -6.80 -17.04
N LEU B 35 4.37 -6.35 -15.91
CA LEU B 35 3.30 -7.00 -15.21
C LEU B 35 1.95 -6.44 -15.59
N GLU B 36 0.99 -7.32 -15.80
CA GLU B 36 -0.37 -6.89 -16.02
C GLU B 36 -0.98 -6.20 -14.79
N ASN B 37 -0.66 -6.70 -13.60
CA ASN B 37 -1.13 -6.15 -12.33
C ASN B 37 0.09 -5.74 -11.52
N PRO B 38 0.24 -4.45 -11.17
CA PRO B 38 1.38 -4.09 -10.33
C PRO B 38 1.33 -4.82 -9.00
N VAL B 39 2.50 -5.13 -8.47
CA VAL B 39 2.65 -5.91 -7.26
C VAL B 39 3.28 -5.06 -6.17
N ASP B 40 2.71 -5.10 -4.96
CA ASP B 40 3.24 -4.32 -3.84
C ASP B 40 4.47 -4.99 -3.23
N VAL B 41 5.51 -4.19 -3.00
CA VAL B 41 6.75 -4.66 -2.37
C VAL B 41 7.09 -3.70 -1.23
N PHE B 42 7.18 -4.23 -0.02
CA PHE B 42 7.56 -3.42 1.13
C PHE B 42 8.97 -2.90 0.97
N VAL B 43 9.22 -1.69 1.45
CA VAL B 43 10.58 -1.14 1.45
C VAL B 43 10.85 -0.39 2.75
N HIS B 44 11.96 -0.76 3.39
CA HIS B 44 12.45 -0.08 4.59
C HIS B 44 13.59 0.84 4.24
N GLN B 45 13.73 1.94 4.97
CA GLN B 45 14.80 2.91 4.71
C GLN B 45 16.19 2.30 4.73
N SER B 46 16.37 1.25 5.51
CA SER B 46 17.68 0.61 5.66
C SER B 46 18.10 -0.15 4.41
N LYS B 47 17.22 -0.24 3.42
CA LYS B 47 17.52 -0.92 2.16
C LYS B 47 17.82 0.04 1.01
N LEU B 48 17.79 1.35 1.26
CA LEU B 48 17.88 2.34 0.20
C LEU B 48 19.32 2.71 -0.09
N TYR B 49 19.74 2.50 -1.34
CA TYR B 49 21.08 2.87 -1.78
C TYR B 49 21.10 4.36 -2.04
N MET B 50 21.63 5.11 -1.07
CA MET B 50 21.78 6.56 -1.14
C MET B 50 22.53 6.98 0.12
N GLU B 51 23.18 8.13 0.04
CA GLU B 51 23.81 8.84 1.15
CA GLU B 51 23.81 8.71 1.23
C GLU B 51 22.81 9.64 1.93
N GLY B 52 23.16 10.02 3.14
CA GLY B 52 22.38 10.91 3.94
C GLY B 52 21.18 10.25 4.62
N PHE B 53 20.29 11.09 5.10
CA PHE B 53 18.99 10.62 5.57
C PHE B 53 18.28 9.92 4.41
N ARG B 54 17.79 8.70 4.65
CA ARG B 54 17.25 7.87 3.59
C ARG B 54 15.73 7.95 3.47
N SER B 55 15.27 8.13 2.23
CA SER B 55 13.85 8.16 1.92
C SER B 55 13.70 7.92 0.43
N LEU B 56 12.45 7.68 0.01
CA LEU B 56 12.08 7.70 -1.38
C LEU B 56 11.06 8.82 -1.63
N LYS B 57 11.08 9.36 -2.85
CA LYS B 57 10.05 10.25 -3.34
C LYS B 57 8.92 9.43 -3.92
N GLU B 58 7.67 9.77 -3.59
CA GLU B 58 6.56 9.09 -4.20
C GLU B 58 6.65 9.23 -5.72
N GLY B 59 6.52 8.10 -6.42
CA GLY B 59 6.60 8.05 -7.85
C GLY B 59 7.99 7.86 -8.43
N GLU B 60 9.06 7.95 -7.64
CA GLU B 60 10.38 7.86 -8.24
C GLU B 60 10.60 6.45 -8.78
N PRO B 61 11.27 6.33 -9.92
CA PRO B 61 11.54 5.01 -10.51
C PRO B 61 12.65 4.29 -9.75
N VAL B 62 12.43 3.00 -9.51
CA VAL B 62 13.37 2.20 -8.74
C VAL B 62 13.62 0.85 -9.42
N GLU B 63 14.77 0.28 -9.08
CA GLU B 63 15.13 -1.10 -9.37
C GLU B 63 15.47 -1.72 -8.03
N PHE B 64 15.20 -3.01 -7.88
CA PHE B 64 15.35 -3.62 -6.58
C PHE B 64 15.47 -5.13 -6.67
N THR B 65 16.02 -5.68 -5.60
CA THR B 65 15.97 -7.10 -5.34
CA THR B 65 15.97 -7.10 -5.33
C THR B 65 14.96 -7.28 -4.20
N PHE B 66 14.20 -8.37 -4.25
CA PHE B 66 13.13 -8.60 -3.30
C PHE B 66 12.97 -10.08 -3.05
N LYS B 67 12.22 -10.38 -2.00
CA LYS B 67 11.94 -11.76 -1.66
C LYS B 67 10.54 -11.86 -1.08
N LYS B 68 10.03 -13.07 -1.14
CA LYS B 68 8.80 -13.38 -0.44
CA LYS B 68 8.78 -13.37 -0.45
CA LYS B 68 8.80 -13.41 -0.46
C LYS B 68 9.04 -13.38 1.05
N SER B 69 8.09 -12.85 1.81
CA SER B 69 8.20 -12.86 3.28
C SER B 69 6.82 -12.81 3.88
N SER B 70 6.74 -12.76 5.20
CA SER B 70 5.44 -12.57 5.86
C SER B 70 4.75 -11.25 5.45
N LYS B 71 5.52 -10.31 4.92
CA LYS B 71 4.99 -9.03 4.46
C LYS B 71 4.34 -9.10 3.08
N GLY B 72 4.38 -10.26 2.43
CA GLY B 72 4.03 -10.34 1.02
C GLY B 72 5.35 -10.47 0.28
N PHE B 73 5.84 -9.34 -0.21
CA PHE B 73 7.17 -9.23 -0.76
C PHE B 73 7.86 -8.09 -0.05
N GLU B 74 9.17 -8.20 0.12
CA GLU B 74 9.96 -7.15 0.73
C GLU B 74 11.27 -6.97 0.02
N SER B 75 11.73 -5.74 0.03
CA SER B 75 12.95 -5.32 -0.65
CA SER B 75 12.95 -5.46 -0.72
C SER B 75 14.19 -5.72 0.13
N LEU B 76 15.20 -6.21 -0.57
CA LEU B 76 16.56 -6.45 -0.04
CA LEU B 76 16.52 -6.41 0.03
C LEU B 76 17.46 -5.26 -0.26
N ARG B 77 17.28 -4.57 -1.37
CA ARG B 77 18.11 -3.42 -1.74
C ARG B 77 17.36 -2.69 -2.84
N VAL B 78 17.36 -1.36 -2.78
CA VAL B 78 16.65 -0.52 -3.72
C VAL B 78 17.59 0.54 -4.25
N THR B 79 17.59 0.71 -5.57
CA THR B 79 18.34 1.74 -6.25
C THR B 79 17.41 2.51 -7.18
N GLY B 80 17.93 3.58 -7.78
CA GLY B 80 17.32 4.18 -8.92
C GLY B 80 17.61 3.41 -10.20
N PRO B 81 17.16 3.96 -11.32
CA PRO B 81 17.43 3.33 -12.62
C PRO B 81 18.93 3.15 -12.85
N GLY B 82 19.30 2.04 -13.48
CA GLY B 82 20.68 1.78 -13.81
C GLY B 82 21.59 1.52 -12.62
N GLY B 83 21.01 1.29 -11.45
CA GLY B 83 21.79 1.10 -10.24
C GLY B 83 22.29 2.37 -9.58
N ASN B 84 21.83 3.51 -10.04
CA ASN B 84 22.21 4.78 -9.45
C ASN B 84 21.55 4.96 -8.08
N PRO B 85 22.07 5.89 -7.27
CA PRO B 85 21.42 6.12 -5.98
C PRO B 85 19.96 6.55 -6.14
N CYS B 86 19.16 6.23 -5.13
CA CYS B 86 17.76 6.68 -5.06
C CYS B 86 17.72 8.21 -5.03
N LEU B 87 16.59 8.77 -5.46
CA LEU B 87 16.42 10.21 -5.53
C LEU B 87 16.21 10.83 -4.15
N GLY B 88 15.28 10.29 -3.37
CA GLY B 88 14.90 10.84 -2.09
C GLY B 88 13.77 11.84 -2.17
N ASN B 89 13.03 12.00 -1.09
CA ASN B 89 11.88 12.86 -1.10
CA ASN B 89 11.86 12.88 -1.07
C ASN B 89 12.26 14.31 -1.44
N GLU B 90 11.51 14.88 -2.38
CA GLU B 90 11.70 16.24 -2.85
C GLU B 90 10.40 16.73 -3.43
#